data_3LJX
#
_entry.id   3LJX
#
_cell.length_a   91.489
_cell.length_b   91.489
_cell.length_c   83.075
_cell.angle_alpha   90.00
_cell.angle_beta   90.00
_cell.angle_gamma   120.00
#
_symmetry.space_group_name_H-M   'P 31 2 1'
#
loop_
_entity.id
_entity.type
_entity.pdbx_description
1 polymer 'MmoQ Response regulator'
2 non-polymer 'CHLORIDE ION'
3 water water
#
_entity_poly.entity_id   1
_entity_poly.type   'polypeptide(L)'
_entity_poly.pdbx_seq_one_letter_code
;(MSE)DRWN(MSE)HKP(MSE)LCDSLPTASRTAAAILNLAQREDVTAEALAQLIQTDPALTGRILRFANAPAQGTRRPV
ASVIDAIDLVGLPAVRQFALSLSLIDAHREGRCEAFDYAAYWQKSLARAVALQSITAQASTVAPKEAFTLGLLADVGRLA
LATAWPEEYSECLRKADGEALIALERERFATDHDELTR(MSE)LLTDWGFPQVFIDALQLSQQDEIRDEGRTGRFARQLA
LAQHIADHRLAEEPRRAALSPLLRAEARRCGLGDEDLARLLADPPADWLDWTRTIGLEHHHHHH
;
_entity_poly.pdbx_strand_id   A
#
loop_
_chem_comp.id
_chem_comp.type
_chem_comp.name
_chem_comp.formula
CL non-polymer 'CHLORIDE ION' 'Cl -1'
#
# COMPACT_ATOMS: atom_id res chain seq x y z
N MSE A 1 20.09 -0.40 -7.59
CA MSE A 1 19.33 0.21 -6.52
C MSE A 1 19.00 1.68 -6.83
O MSE A 1 19.53 2.25 -7.77
CB MSE A 1 20.08 0.12 -5.18
CG MSE A 1 21.42 0.83 -5.15
SE MSE A 1 21.97 1.39 -3.34
CE MSE A 1 23.80 1.95 -3.74
N ASP A 2 18.09 2.26 -6.06
CA ASP A 2 17.69 3.64 -6.29
C ASP A 2 18.55 4.58 -5.46
N ARG A 3 18.93 5.71 -6.05
CA ARG A 3 19.58 6.76 -5.27
C ARG A 3 18.61 7.32 -4.23
N TRP A 4 19.16 7.75 -3.09
CA TRP A 4 18.40 8.48 -2.10
C TRP A 4 18.65 9.97 -2.26
N ASN A 5 17.64 10.67 -2.75
CA ASN A 5 17.69 12.11 -2.94
C ASN A 5 17.12 12.77 -1.69
N MSE A 6 17.95 13.51 -0.98
CA MSE A 6 17.58 14.04 0.33
C MSE A 6 16.40 14.99 0.25
O MSE A 6 15.49 14.96 1.07
CB MSE A 6 18.78 14.71 0.98
CG MSE A 6 18.41 15.71 2.06
SE MSE A 6 19.98 16.63 2.76
CE MSE A 6 19.10 18.04 3.78
N HIS A 7 16.41 15.84 -0.78
CA HIS A 7 15.32 16.78 -0.95
C HIS A 7 14.03 16.08 -1.33
N LYS A 8 14.13 15.10 -2.23
CA LYS A 8 12.95 14.39 -2.69
C LYS A 8 13.19 12.87 -2.74
N PRO A 9 13.21 12.22 -1.57
CA PRO A 9 13.44 10.78 -1.44
C PRO A 9 12.47 9.99 -2.28
N MSE A 10 12.96 8.99 -3.00
CA MSE A 10 12.11 8.27 -3.93
C MSE A 10 12.71 6.90 -4.27
O MSE A 10 13.73 6.82 -4.96
CB MSE A 10 11.97 9.12 -5.18
CG MSE A 10 11.25 8.47 -6.31
SE MSE A 10 9.38 8.16 -5.94
CE MSE A 10 9.25 6.55 -6.98
N LEU A 11 12.09 5.82 -3.78
CA LEU A 11 12.47 4.47 -4.17
C LEU A 11 11.29 3.81 -4.86
N CYS A 12 11.57 3.05 -5.91
CA CYS A 12 10.50 2.28 -6.51
C CYS A 12 11.03 0.98 -7.11
N ASP A 13 11.92 1.09 -8.09
CA ASP A 13 12.45 -0.09 -8.75
C ASP A 13 13.11 -1.04 -7.76
N SER A 14 13.69 -0.49 -6.69
CA SER A 14 14.51 -1.27 -5.77
C SER A 14 13.71 -1.92 -4.63
N LEU A 15 12.42 -1.62 -4.53
CA LEU A 15 11.65 -2.20 -3.43
C LEU A 15 11.51 -3.72 -3.63
N PRO A 16 11.75 -4.51 -2.57
CA PRO A 16 11.72 -5.97 -2.74
C PRO A 16 10.30 -6.53 -2.83
N THR A 17 10.24 -7.76 -3.30
CA THR A 17 9.02 -8.55 -3.33
C THR A 17 9.32 -9.84 -2.55
N ALA A 18 8.31 -10.43 -1.90
CA ALA A 18 8.51 -11.71 -1.20
C ALA A 18 8.94 -12.82 -2.18
N SER A 19 9.88 -13.66 -1.75
CA SER A 19 10.37 -14.76 -2.58
C SER A 19 9.27 -15.64 -3.14
N ARG A 20 8.36 -16.06 -2.27
CA ARG A 20 7.27 -16.95 -2.68
C ARG A 20 6.32 -16.27 -3.68
N THR A 21 6.01 -15.00 -3.41
CA THR A 21 5.15 -14.22 -4.28
C THR A 21 5.83 -13.96 -5.65
N ALA A 22 7.11 -13.59 -5.61
CA ALA A 22 7.85 -13.40 -6.85
C ALA A 22 7.84 -14.69 -7.66
N ALA A 23 8.17 -15.81 -7.02
CA ALA A 23 8.20 -17.10 -7.72
C ALA A 23 6.88 -17.33 -8.45
N ALA A 24 5.78 -17.10 -7.75
CA ALA A 24 4.46 -17.31 -8.34
C ALA A 24 4.12 -16.31 -9.45
N ILE A 25 4.57 -15.08 -9.29
CA ILE A 25 4.32 -14.07 -10.31
C ILE A 25 5.09 -14.46 -11.57
N LEU A 26 6.36 -14.80 -11.41
CA LEU A 26 7.20 -15.21 -12.53
C LEU A 26 6.63 -16.44 -13.24
N ASN A 27 6.20 -17.42 -12.46
CA ASN A 27 5.59 -18.61 -13.01
C ASN A 27 4.43 -18.26 -13.93
N LEU A 28 3.52 -17.44 -13.43
CA LEU A 28 2.36 -17.00 -14.21
C LEU A 28 2.78 -16.13 -15.41
N ALA A 29 3.73 -15.24 -15.20
CA ALA A 29 4.17 -14.35 -16.27
C ALA A 29 4.80 -15.14 -17.43
N GLN A 30 5.43 -16.28 -17.11
CA GLN A 30 6.05 -17.12 -18.14
C GLN A 30 5.08 -18.13 -18.69
N ARG A 31 3.87 -18.15 -18.16
CA ARG A 31 2.89 -19.11 -18.63
C ARG A 31 2.42 -18.69 -20.00
N GLU A 32 2.40 -19.66 -20.92
CA GLU A 32 2.03 -19.41 -22.31
C GLU A 32 0.78 -18.55 -22.39
N ASP A 33 -0.29 -19.02 -21.76
CA ASP A 33 -1.59 -18.35 -21.89
C ASP A 33 -2.19 -17.93 -20.56
N VAL A 34 -1.80 -16.75 -20.09
CA VAL A 34 -2.33 -16.18 -18.86
C VAL A 34 -3.25 -15.01 -19.17
N THR A 35 -4.35 -14.89 -18.43
CA THR A 35 -5.28 -13.78 -18.59
C THR A 35 -4.75 -12.50 -17.94
N ALA A 36 -5.23 -11.37 -18.42
CA ALA A 36 -4.98 -10.08 -17.76
C ALA A 36 -5.41 -10.18 -16.31
N GLU A 37 -6.58 -10.75 -16.12
CA GLU A 37 -7.23 -10.84 -14.81
C GLU A 37 -6.42 -11.66 -13.81
N ALA A 38 -5.96 -12.84 -14.23
CA ALA A 38 -5.23 -13.72 -13.31
C ALA A 38 -3.91 -13.07 -12.94
N LEU A 39 -3.27 -12.42 -13.90
CA LEU A 39 -1.99 -11.80 -13.67
C LEU A 39 -2.13 -10.61 -12.70
N ALA A 40 -3.13 -9.76 -12.94
CA ALA A 40 -3.43 -8.63 -12.07
C ALA A 40 -3.73 -9.08 -10.63
N GLN A 41 -4.59 -10.08 -10.49
CA GLN A 41 -4.96 -10.59 -9.17
C GLN A 41 -3.71 -10.98 -8.40
N LEU A 42 -2.78 -11.62 -9.08
CA LEU A 42 -1.58 -12.10 -8.45
C LEU A 42 -0.61 -10.94 -8.17
N ILE A 43 -0.43 -10.06 -9.15
CA ILE A 43 0.53 -8.96 -9.03
C ILE A 43 0.12 -8.01 -7.91
N GLN A 44 -1.20 -7.83 -7.76
CA GLN A 44 -1.65 -6.83 -6.80
C GLN A 44 -1.58 -7.35 -5.36
N THR A 45 -1.00 -8.53 -5.16
CA THR A 45 -0.67 -8.97 -3.80
C THR A 45 0.70 -8.42 -3.39
N ASP A 46 1.42 -7.80 -4.34
CA ASP A 46 2.76 -7.29 -4.05
C ASP A 46 2.85 -5.76 -4.17
N PRO A 47 3.10 -5.10 -3.03
CA PRO A 47 3.21 -3.63 -3.00
C PRO A 47 4.31 -3.12 -3.93
N ALA A 48 5.51 -3.72 -3.93
CA ALA A 48 6.60 -3.23 -4.80
C ALA A 48 6.21 -3.22 -6.28
N LEU A 49 5.85 -4.39 -6.81
CA LEU A 49 5.58 -4.49 -8.25
C LEU A 49 4.35 -3.68 -8.64
N THR A 50 3.37 -3.62 -7.74
CA THR A 50 2.17 -2.81 -7.97
C THR A 50 2.47 -1.32 -8.12
N GLY A 51 3.30 -0.81 -7.21
CA GLY A 51 3.79 0.56 -7.32
C GLY A 51 4.49 0.86 -8.64
N ARG A 52 5.46 0.03 -9.03
CA ARG A 52 6.23 0.22 -10.26
CA ARG A 52 6.23 0.25 -10.25
C ARG A 52 5.30 0.31 -11.45
N ILE A 53 4.33 -0.60 -11.50
CA ILE A 53 3.36 -0.64 -12.59
C ILE A 53 2.51 0.63 -12.64
N LEU A 54 1.98 1.06 -11.50
CA LEU A 54 1.17 2.27 -11.46
C LEU A 54 2.01 3.45 -11.91
N ARG A 55 3.24 3.48 -11.46
CA ARG A 55 4.12 4.60 -11.75
C ARG A 55 4.44 4.67 -13.25
N PHE A 56 4.67 3.51 -13.84
CA PHE A 56 4.92 3.43 -15.27
C PHE A 56 3.67 3.93 -16.00
N ALA A 57 2.51 3.42 -15.59
CA ALA A 57 1.26 3.70 -16.31
C ALA A 57 0.84 5.13 -16.14
N ASN A 58 1.29 5.77 -15.05
CA ASN A 58 0.90 7.15 -14.76
C ASN A 58 1.97 8.18 -15.14
N ALA A 59 3.11 7.69 -15.62
CA ALA A 59 4.21 8.55 -16.07
C ALA A 59 3.76 9.50 -17.18
N PRO A 60 4.33 10.72 -17.19
CA PRO A 60 3.94 11.78 -18.12
C PRO A 60 4.06 11.34 -19.58
N ALA A 61 3.00 10.80 -20.15
CA ALA A 61 3.01 10.43 -21.57
C ALA A 61 4.25 9.61 -21.96
N THR A 64 -1.59 10.16 -19.00
CA THR A 64 -1.28 9.28 -20.13
C THR A 64 -2.36 8.21 -20.41
N ARG A 65 -3.62 8.61 -20.52
CA ARG A 65 -4.05 10.00 -20.34
C ARG A 65 -4.50 10.25 -18.91
N ARG A 66 -5.58 9.59 -18.49
CA ARG A 66 -6.00 9.64 -17.07
C ARG A 66 -5.20 8.64 -16.25
N PRO A 67 -4.97 8.94 -14.98
CA PRO A 67 -4.19 8.02 -14.15
C PRO A 67 -4.99 6.77 -13.80
N VAL A 68 -4.28 5.70 -13.45
CA VAL A 68 -4.91 4.44 -13.01
C VAL A 68 -4.48 4.15 -11.58
N ALA A 69 -5.25 3.30 -10.91
CA ALA A 69 -5.04 2.98 -9.51
C ALA A 69 -5.34 1.51 -9.23
N SER A 70 -5.17 0.67 -10.25
CA SER A 70 -5.20 -0.77 -10.06
C SER A 70 -4.40 -1.46 -11.18
N VAL A 71 -3.84 -2.62 -10.87
CA VAL A 71 -3.08 -3.34 -11.88
C VAL A 71 -3.95 -3.62 -13.11
N ILE A 72 -5.20 -4.01 -12.89
CA ILE A 72 -6.07 -4.36 -14.03
C ILE A 72 -6.33 -3.12 -14.92
N ASP A 73 -6.50 -1.96 -14.30
CA ASP A 73 -6.65 -0.73 -15.09
C ASP A 73 -5.36 -0.35 -15.82
N ALA A 74 -4.22 -0.58 -15.17
CA ALA A 74 -2.95 -0.33 -15.85
C ALA A 74 -2.84 -1.21 -17.11
N ILE A 75 -3.20 -2.48 -16.97
CA ILE A 75 -3.15 -3.41 -18.09
C ILE A 75 -4.03 -2.92 -19.25
N ASP A 76 -5.28 -2.57 -18.95
CA ASP A 76 -6.19 -2.04 -19.98
C ASP A 76 -5.57 -0.82 -20.65
N LEU A 77 -4.85 -0.01 -19.89
CA LEU A 77 -4.31 1.23 -20.41
C LEU A 77 -3.05 1.04 -21.27
N VAL A 78 -2.03 0.38 -20.73
CA VAL A 78 -0.75 0.25 -21.43
C VAL A 78 -0.54 -1.09 -22.18
N GLY A 79 -1.39 -2.07 -21.88
CA GLY A 79 -1.34 -3.34 -22.58
C GLY A 79 -0.78 -4.41 -21.69
N LEU A 80 -1.27 -5.64 -21.84
CA LEU A 80 -0.74 -6.78 -21.11
C LEU A 80 0.76 -7.06 -21.36
N PRO A 81 1.22 -6.92 -22.62
CA PRO A 81 2.66 -7.17 -22.86
C PRO A 81 3.57 -6.26 -22.01
N ALA A 82 3.27 -4.95 -21.94
CA ALA A 82 4.12 -4.06 -21.15
C ALA A 82 4.08 -4.44 -19.68
N VAL A 83 2.89 -4.71 -19.15
CA VAL A 83 2.79 -5.06 -17.74
C VAL A 83 3.52 -6.37 -17.48
N ARG A 84 3.43 -7.30 -18.44
CA ARG A 84 4.12 -8.57 -18.32
C ARG A 84 5.64 -8.38 -18.19
N GLN A 85 6.19 -7.45 -18.96
CA GLN A 85 7.62 -7.11 -18.84
C GLN A 85 8.01 -6.78 -17.39
N PHE A 86 7.16 -6.02 -16.68
CA PHE A 86 7.48 -5.67 -15.30
C PHE A 86 7.44 -6.90 -14.42
N ALA A 87 6.46 -7.76 -14.68
CA ALA A 87 6.35 -9.04 -13.96
C ALA A 87 7.56 -9.95 -14.20
N LEU A 88 8.03 -10.05 -15.45
CA LEU A 88 9.20 -10.88 -15.76
C LEU A 88 10.46 -10.25 -15.21
N SER A 89 10.40 -8.97 -14.86
CA SER A 89 11.62 -8.30 -14.40
C SER A 89 12.05 -8.80 -13.02
N LEU A 90 11.13 -9.41 -12.28
CA LEU A 90 11.48 -9.95 -10.97
C LEU A 90 12.59 -11.01 -11.09
N SER A 91 12.65 -11.69 -12.23
CA SER A 91 13.77 -12.59 -12.55
C SER A 91 15.07 -12.04 -11.98
N LEU A 92 15.32 -10.76 -12.26
CA LEU A 92 16.48 -10.06 -11.72
C LEU A 92 16.50 -10.04 -10.20
N ARG A 97 17.60 -8.95 -1.06
CA ARG A 97 16.38 -8.29 -1.51
C ARG A 97 15.32 -8.21 -0.42
N GLU A 98 14.77 -9.36 -0.01
CA GLU A 98 13.57 -9.39 0.86
C GLU A 98 13.74 -9.88 2.32
N GLY A 99 14.62 -9.26 3.10
CA GLY A 99 15.37 -8.08 2.71
C GLY A 99 16.48 -7.71 3.68
N ARG A 100 17.21 -6.66 3.33
CA ARG A 100 18.42 -6.30 4.05
C ARG A 100 18.21 -5.70 5.44
N CYS A 101 17.10 -5.02 5.70
CA CYS A 101 16.88 -4.39 7.01
C CYS A 101 16.59 -5.42 8.11
N GLU A 102 17.63 -5.75 8.87
CA GLU A 102 17.58 -6.83 9.84
C GLU A 102 16.36 -6.78 10.78
N ALA A 103 16.12 -5.61 11.38
CA ALA A 103 15.04 -5.47 12.36
C ALA A 103 13.62 -5.32 11.78
N PHE A 104 13.50 -5.15 10.46
CA PHE A 104 12.19 -4.99 9.84
C PHE A 104 11.52 -6.34 9.56
N ASP A 105 10.29 -6.48 10.05
CA ASP A 105 9.54 -7.72 9.86
C ASP A 105 8.86 -7.73 8.49
N TYR A 106 9.57 -8.20 7.47
CA TYR A 106 9.06 -8.17 6.11
C TYR A 106 7.81 -9.05 5.93
N ALA A 107 7.85 -10.27 6.47
CA ALA A 107 6.69 -11.13 6.35
C ALA A 107 5.48 -10.42 6.96
N ALA A 108 5.67 -9.78 8.12
CA ALA A 108 4.55 -9.13 8.78
C ALA A 108 4.06 -7.99 7.91
N TYR A 109 5.00 -7.24 7.34
CA TYR A 109 4.62 -6.11 6.50
C TYR A 109 3.80 -6.60 5.32
N TRP A 110 4.24 -7.66 4.65
CA TRP A 110 3.52 -8.12 3.46
C TRP A 110 2.18 -8.71 3.82
N GLN A 111 2.13 -9.41 4.94
CA GLN A 111 0.89 -10.03 5.37
C GLN A 111 -0.14 -8.94 5.69
N LYS A 112 0.28 -7.94 6.45
CA LYS A 112 -0.61 -6.89 6.87
C LYS A 112 -1.08 -6.02 5.69
N SER A 113 -0.19 -5.78 4.74
CA SER A 113 -0.52 -4.92 3.61
C SER A 113 -1.65 -5.52 2.75
N LEU A 114 -1.55 -6.82 2.50
CA LEU A 114 -2.56 -7.52 1.74
C LEU A 114 -3.89 -7.60 2.52
N ALA A 115 -3.80 -7.97 3.80
CA ALA A 115 -5.00 -8.12 4.62
C ALA A 115 -5.76 -6.80 4.64
N ARG A 116 -5.01 -5.70 4.80
CA ARG A 116 -5.62 -4.38 4.78
C ARG A 116 -6.24 -4.05 3.42
N ALA A 117 -5.52 -4.33 2.34
CA ALA A 117 -6.07 -4.14 1.00
C ALA A 117 -7.39 -4.89 0.88
N VAL A 118 -7.40 -6.15 1.32
CA VAL A 118 -8.58 -7.00 1.18
C VAL A 118 -9.75 -6.45 2.00
N ALA A 119 -9.45 -6.06 3.24
CA ALA A 119 -10.46 -5.46 4.11
C ALA A 119 -11.04 -4.18 3.52
N LEU A 120 -10.18 -3.31 2.99
CA LEU A 120 -10.65 -2.02 2.50
C LEU A 120 -11.52 -2.24 1.27
N GLN A 121 -11.13 -3.19 0.43
CA GLN A 121 -11.95 -3.54 -0.71
C GLN A 121 -13.35 -3.98 -0.31
N SER A 122 -13.44 -4.89 0.67
CA SER A 122 -14.75 -5.35 1.17
C SER A 122 -15.60 -4.22 1.72
N ILE A 123 -15.01 -3.44 2.62
CA ILE A 123 -15.70 -2.28 3.15
C ILE A 123 -16.23 -1.38 2.03
N THR A 124 -15.36 -0.94 1.12
CA THR A 124 -15.81 0.00 0.09
C THR A 124 -16.81 -0.66 -0.89
N ALA A 125 -16.73 -1.99 -1.00
CA ALA A 125 -17.61 -2.76 -1.90
C ALA A 125 -19.06 -2.67 -1.46
N GLN A 126 -19.27 -2.40 -0.19
CA GLN A 126 -20.63 -2.29 0.30
C GLN A 126 -20.99 -0.83 0.52
N ALA A 127 -20.18 0.08 -0.01
CA ALA A 127 -20.46 1.51 0.12
C ALA A 127 -20.40 2.21 -1.22
N SER A 128 -20.47 3.54 -1.22
CA SER A 128 -20.47 4.28 -2.47
C SER A 128 -19.48 5.44 -2.52
N THR A 129 -18.32 5.28 -1.89
CA THR A 129 -17.33 6.35 -1.84
C THR A 129 -16.37 6.26 -3.03
N VAL A 130 -15.61 5.17 -3.09
CA VAL A 130 -14.60 5.00 -4.12
C VAL A 130 -14.77 3.66 -4.82
N ALA A 131 -14.12 3.49 -5.97
CA ALA A 131 -14.11 2.21 -6.66
C ALA A 131 -13.30 1.23 -5.81
N PRO A 132 -13.90 0.08 -5.46
CA PRO A 132 -13.21 -0.88 -4.57
C PRO A 132 -11.88 -1.41 -5.11
N LYS A 133 -11.76 -1.61 -6.41
CA LYS A 133 -10.48 -2.06 -6.95
C LYS A 133 -9.38 -1.01 -6.75
N GLU A 134 -9.76 0.27 -6.78
CA GLU A 134 -8.80 1.35 -6.53
C GLU A 134 -8.52 1.46 -5.04
N ALA A 135 -9.56 1.21 -4.22
CA ALA A 135 -9.41 1.23 -2.77
C ALA A 135 -8.48 0.11 -2.32
N PHE A 136 -8.63 -1.07 -2.94
CA PHE A 136 -7.78 -2.20 -2.61
C PHE A 136 -6.32 -1.78 -2.70
N THR A 137 -6.01 -1.16 -3.83
CA THR A 137 -4.66 -0.72 -4.13
C THR A 137 -4.16 0.29 -3.10
N LEU A 138 -4.98 1.26 -2.75
CA LEU A 138 -4.57 2.21 -1.71
C LEU A 138 -4.31 1.52 -0.37
N GLY A 139 -5.15 0.55 -0.04
CA GLY A 139 -4.97 -0.22 1.18
C GLY A 139 -3.65 -0.96 1.14
N LEU A 140 -3.38 -1.63 0.03
CA LEU A 140 -2.12 -2.33 -0.17
C LEU A 140 -0.91 -1.43 0.12
N LEU A 141 -0.99 -0.19 -0.35
CA LEU A 141 0.15 0.72 -0.40
C LEU A 141 0.21 1.70 0.77
N ALA A 142 -0.81 1.66 1.64
CA ALA A 142 -1.00 2.66 2.70
C ALA A 142 0.21 2.99 3.59
N ASP A 143 1.18 2.07 3.67
CA ASP A 143 2.40 2.37 4.43
C ASP A 143 3.66 1.86 3.73
N VAL A 144 3.64 1.95 2.41
CA VAL A 144 4.77 1.54 1.60
C VAL A 144 6.04 2.35 1.96
N GLY A 145 5.85 3.52 2.57
CA GLY A 145 6.97 4.25 3.12
C GLY A 145 7.83 3.47 4.11
N ARG A 146 7.23 2.51 4.81
CA ARG A 146 8.00 1.68 5.75
C ARG A 146 8.96 0.79 4.99
N LEU A 147 8.45 0.08 4.00
CA LEU A 147 9.27 -0.73 3.10
C LEU A 147 10.43 0.10 2.51
N ALA A 148 10.12 1.31 2.07
CA ALA A 148 11.12 2.17 1.44
C ALA A 148 12.27 2.56 2.38
N LEU A 149 11.96 2.90 3.62
CA LEU A 149 13.04 3.26 4.54
C LEU A 149 13.89 2.04 4.85
N ALA A 150 13.24 0.90 5.08
CA ALA A 150 13.93 -0.35 5.40
C ALA A 150 14.86 -0.73 4.24
N THR A 151 14.40 -0.48 3.01
CA THR A 151 15.19 -0.79 1.84
C THR A 151 16.33 0.20 1.63
N ALA A 152 16.05 1.48 1.79
CA ALA A 152 17.04 2.54 1.57
C ALA A 152 18.15 2.55 2.62
N TRP A 153 17.78 2.46 3.89
CA TRP A 153 18.77 2.58 4.96
C TRP A 153 18.70 1.41 5.95
N PRO A 154 19.00 0.19 5.48
CA PRO A 154 18.73 -1.02 6.27
C PRO A 154 19.35 -0.97 7.65
N GLU A 155 20.61 -0.53 7.75
CA GLU A 155 21.31 -0.51 9.05
C GLU A 155 20.87 0.66 9.91
N GLU A 156 20.71 1.83 9.32
CA GLU A 156 20.22 2.95 10.11
C GLU A 156 18.81 2.68 10.59
N TYR A 157 17.98 2.12 9.72
CA TYR A 157 16.58 1.92 10.09
C TYR A 157 16.45 0.81 11.14
N SER A 158 17.33 -0.19 11.10
CA SER A 158 17.36 -1.19 12.20
C SER A 158 17.61 -0.55 13.56
N GLU A 159 18.53 0.41 13.62
CA GLU A 159 18.70 1.18 14.84
C GLU A 159 17.38 1.82 15.28
N CYS A 160 16.74 2.57 14.39
CA CYS A 160 15.48 3.23 14.74
C CYS A 160 14.45 2.21 15.23
N LEU A 161 14.32 1.11 14.52
CA LEU A 161 13.30 0.12 14.85
C LEU A 161 13.53 -0.53 16.20
N ARG A 162 14.79 -0.70 16.58
CA ARG A 162 15.11 -1.31 17.87
C ARG A 162 14.86 -0.36 19.04
N LYS A 163 14.99 0.94 18.83
CA LYS A 163 14.87 1.89 19.93
C LYS A 163 13.54 2.63 20.04
N ALA A 164 12.69 2.55 19.03
CA ALA A 164 11.43 3.31 19.09
C ALA A 164 10.28 2.70 18.31
N ASP A 165 9.08 3.16 18.63
CA ASP A 165 7.88 2.80 17.88
C ASP A 165 6.89 3.97 17.95
N GLY A 166 5.75 3.82 17.28
CA GLY A 166 4.75 4.88 17.24
C GLY A 166 5.32 6.27 16.98
N GLU A 167 4.85 7.24 17.75
CA GLU A 167 5.26 8.63 17.53
C GLU A 167 6.76 8.85 17.72
N ALA A 168 7.36 8.14 18.67
CA ALA A 168 8.78 8.27 18.93
C ALA A 168 9.58 7.79 17.73
N LEU A 169 9.13 6.71 17.09
CA LEU A 169 9.77 6.25 15.86
C LEU A 169 9.66 7.32 14.75
N ILE A 170 8.48 7.91 14.60
CA ILE A 170 8.27 8.98 13.63
C ILE A 170 9.29 10.09 13.87
N ALA A 171 9.41 10.52 15.14
CA ALA A 171 10.36 11.57 15.50
C ALA A 171 11.79 11.15 15.16
N LEU A 172 12.10 9.88 15.36
CA LEU A 172 13.46 9.40 15.15
C LEU A 172 13.76 9.36 13.67
N GLU A 173 12.76 8.97 12.88
CA GLU A 173 12.92 8.91 11.45
C GLU A 173 13.23 10.30 10.91
N ARG A 174 12.47 11.29 11.34
CA ARG A 174 12.71 12.67 10.90
C ARG A 174 14.14 13.13 11.19
N GLU A 175 14.66 12.74 12.34
CA GLU A 175 16.01 13.10 12.73
C GLU A 175 17.05 12.46 11.81
N ARG A 176 16.90 11.15 11.57
CA ARG A 176 17.88 10.41 10.80
C ARG A 176 17.80 10.68 9.29
N PHE A 177 16.58 10.85 8.79
CA PHE A 177 16.34 10.80 7.36
C PHE A 177 15.67 12.07 6.80
N ALA A 178 15.30 12.99 7.66
CA ALA A 178 14.50 14.16 7.28
C ALA A 178 13.21 13.77 6.56
N THR A 179 12.67 12.61 6.92
CA THR A 179 11.33 12.22 6.48
C THR A 179 10.89 11.11 7.41
N ASP A 180 9.62 10.75 7.37
CA ASP A 180 9.16 9.64 8.19
C ASP A 180 8.35 8.71 7.30
N HIS A 181 8.01 7.53 7.81
CA HIS A 181 7.44 6.51 6.93
C HIS A 181 6.06 6.90 6.37
N ASP A 182 5.31 7.73 7.13
CA ASP A 182 4.00 8.21 6.65
C ASP A 182 4.11 9.33 5.61
N GLU A 183 4.98 10.30 5.86
CA GLU A 183 5.24 11.31 4.84
C GLU A 183 5.78 10.63 3.58
N LEU A 184 6.72 9.71 3.76
CA LEU A 184 7.33 9.05 2.63
C LEU A 184 6.25 8.33 1.80
N THR A 185 5.34 7.64 2.49
CA THR A 185 4.23 6.97 1.80
C THR A 185 3.47 7.95 0.89
N ARG A 186 3.06 9.08 1.45
CA ARG A 186 2.29 10.08 0.70
C ARG A 186 3.08 10.59 -0.49
N MSE A 187 4.37 10.79 -0.31
CA MSE A 187 5.19 11.31 -1.41
C MSE A 187 5.32 10.26 -2.49
O MSE A 187 5.24 10.58 -3.66
CB MSE A 187 6.58 11.72 -0.93
CG MSE A 187 6.57 12.88 0.06
SE MSE A 187 8.38 13.18 0.76
CE MSE A 187 9.31 13.51 -0.92
N LEU A 188 5.49 9.00 -2.09
CA LEU A 188 5.55 7.90 -3.04
C LEU A 188 4.23 7.81 -3.82
N LEU A 189 3.12 7.79 -3.09
CA LEU A 189 1.81 7.65 -3.71
C LEU A 189 1.54 8.81 -4.65
N THR A 190 1.99 9.99 -4.24
CA THR A 190 1.86 11.15 -5.10
C THR A 190 2.71 10.99 -6.37
N ASP A 191 3.97 10.55 -6.21
CA ASP A 191 4.80 10.29 -7.39
C ASP A 191 4.17 9.25 -8.31
N TRP A 192 3.47 8.27 -7.73
CA TRP A 192 2.95 7.15 -8.54
C TRP A 192 1.60 7.45 -9.20
N GLY A 193 1.09 8.66 -9.00
CA GLY A 193 -0.09 9.09 -9.72
C GLY A 193 -1.36 9.38 -8.94
N PHE A 194 -1.39 9.06 -7.64
CA PHE A 194 -2.60 9.28 -6.86
C PHE A 194 -2.88 10.77 -6.67
N PRO A 195 -4.12 11.20 -6.89
CA PRO A 195 -4.42 12.62 -6.65
C PRO A 195 -4.51 12.94 -5.16
N GLN A 196 -4.36 14.21 -4.81
CA GLN A 196 -4.27 14.59 -3.41
C GLN A 196 -5.44 14.16 -2.51
N VAL A 197 -6.68 14.07 -3.03
CA VAL A 197 -7.78 13.65 -2.13
C VAL A 197 -7.50 12.31 -1.49
N PHE A 198 -6.92 11.39 -2.25
CA PHE A 198 -6.61 10.07 -1.69
C PHE A 198 -5.54 10.16 -0.60
N ILE A 199 -4.48 10.95 -0.84
CA ILE A 199 -3.46 11.15 0.17
C ILE A 199 -4.05 11.83 1.42
N ASP A 200 -4.93 12.80 1.21
CA ASP A 200 -5.56 13.46 2.35
C ASP A 200 -6.44 12.49 3.13
N ALA A 201 -7.16 11.62 2.42
CA ALA A 201 -8.04 10.69 3.11
C ALA A 201 -7.18 9.76 3.96
N LEU A 202 -6.05 9.34 3.40
CA LEU A 202 -5.10 8.49 4.09
C LEU A 202 -4.54 9.16 5.34
N GLN A 203 -4.09 10.39 5.20
CA GLN A 203 -3.58 11.14 6.35
C GLN A 203 -4.64 11.32 7.42
N LEU A 204 -5.84 11.72 7.00
CA LEU A 204 -6.98 11.84 7.90
C LEU A 204 -7.22 10.53 8.67
N SER A 205 -7.14 9.40 7.96
CA SER A 205 -7.49 8.12 8.56
C SER A 205 -6.56 7.79 9.73
N GLN A 206 -5.45 8.52 9.83
CA GLN A 206 -4.46 8.23 10.86
C GLN A 206 -4.64 9.01 12.18
N GLN A 207 -5.56 9.96 12.22
CA GLN A 207 -5.87 10.69 13.43
C GLN A 207 -6.52 9.78 14.44
N ASP A 208 -6.42 10.16 15.71
CA ASP A 208 -7.06 9.41 16.79
C ASP A 208 -8.57 9.37 16.58
N GLU A 209 -9.11 10.46 16.05
CA GLU A 209 -10.54 10.63 15.93
C GLU A 209 -10.84 11.38 14.63
N ILE A 210 -11.77 10.86 13.84
CA ILE A 210 -12.04 11.41 12.51
C ILE A 210 -13.44 12.00 12.43
N ARG A 211 -13.54 13.31 12.70
CA ARG A 211 -14.83 13.98 12.77
C ARG A 211 -15.26 14.53 11.42
N ASP A 212 -14.27 14.78 10.57
CA ASP A 212 -14.46 15.42 9.28
C ASP A 212 -15.65 14.91 8.49
N GLU A 213 -16.39 15.83 7.89
CA GLU A 213 -17.50 15.46 7.04
C GLU A 213 -17.04 15.28 5.59
N GLY A 214 -17.98 14.98 4.72
CA GLY A 214 -17.68 14.83 3.31
C GLY A 214 -17.10 13.48 2.93
N ARG A 215 -16.96 13.26 1.63
CA ARG A 215 -16.47 12.01 1.10
C ARG A 215 -15.06 11.72 1.62
N THR A 216 -14.27 12.77 1.78
CA THR A 216 -12.90 12.59 2.27
C THR A 216 -12.92 12.01 3.69
N GLY A 217 -13.81 12.52 4.52
CA GLY A 217 -13.98 12.05 5.89
C GLY A 217 -14.49 10.62 5.90
N ARG A 218 -15.41 10.31 5.00
CA ARG A 218 -16.00 8.97 5.00
C ARG A 218 -14.99 7.94 4.53
N PHE A 219 -14.24 8.29 3.49
CA PHE A 219 -13.21 7.39 3.00
C PHE A 219 -12.14 7.22 4.08
N ALA A 220 -11.78 8.32 4.75
CA ALA A 220 -10.81 8.24 5.84
C ALA A 220 -11.29 7.24 6.92
N ARG A 221 -12.55 7.33 7.31
CA ARG A 221 -13.07 6.41 8.32
C ARG A 221 -13.04 4.97 7.80
N GLN A 222 -13.22 4.79 6.50
CA GLN A 222 -13.15 3.45 5.90
C GLN A 222 -11.74 2.90 5.94
N LEU A 223 -10.77 3.77 5.69
CA LEU A 223 -9.36 3.42 5.76
C LEU A 223 -8.98 3.06 7.19
N ALA A 224 -9.39 3.92 8.12
CA ALA A 224 -9.07 3.70 9.54
C ALA A 224 -9.63 2.36 9.99
N LEU A 225 -10.85 2.04 9.52
CA LEU A 225 -11.45 0.77 9.89
C LEU A 225 -10.69 -0.43 9.28
N ALA A 226 -10.24 -0.31 8.04
CA ALA A 226 -9.47 -1.38 7.43
C ALA A 226 -8.18 -1.59 8.21
N GLN A 227 -7.56 -0.49 8.64
CA GLN A 227 -6.30 -0.56 9.36
C GLN A 227 -6.49 -1.23 10.72
N HIS A 228 -7.47 -0.75 11.49
CA HIS A 228 -7.68 -1.25 12.86
C HIS A 228 -8.17 -2.68 12.87
N ILE A 229 -9.07 -3.00 11.95
CA ILE A 229 -9.54 -4.37 11.79
C ILE A 229 -8.39 -5.32 11.46
N ALA A 230 -7.48 -4.87 10.60
CA ALA A 230 -6.36 -5.69 10.17
C ALA A 230 -5.40 -5.87 11.34
N ASP A 231 -5.19 -4.81 12.10
CA ASP A 231 -4.33 -4.89 13.26
C ASP A 231 -4.93 -5.84 14.29
N HIS A 232 -6.25 -5.88 14.35
CA HIS A 232 -6.93 -6.66 15.38
C HIS A 232 -6.80 -8.16 15.12
N ARG A 233 -7.16 -8.59 13.91
CA ARG A 233 -7.00 -10.00 13.54
C ARG A 233 -5.56 -10.46 13.72
N LEU A 234 -4.63 -9.73 13.10
CA LEU A 234 -3.21 -10.09 13.08
C LEU A 234 -2.48 -9.83 14.41
N ALA A 235 -3.25 -9.59 15.47
CA ALA A 235 -2.69 -9.38 16.80
C ALA A 235 -2.87 -10.62 17.67
N ALA A 242 -11.96 -6.85 20.82
CA ALA A 242 -12.74 -6.17 19.79
C ALA A 242 -12.27 -4.73 19.55
N LEU A 243 -12.97 -4.03 18.66
CA LEU A 243 -12.68 -2.63 18.35
C LEU A 243 -13.23 -1.69 19.40
N SER A 244 -12.52 -0.59 19.62
CA SER A 244 -12.93 0.42 20.59
C SER A 244 -14.30 0.99 20.21
N PRO A 245 -15.01 1.57 21.19
CA PRO A 245 -16.30 2.22 20.94
C PRO A 245 -16.20 3.29 19.84
N LEU A 246 -15.11 4.05 19.84
CA LEU A 246 -14.91 5.07 18.82
C LEU A 246 -14.91 4.46 17.42
N LEU A 247 -14.09 3.44 17.22
CA LEU A 247 -14.01 2.80 15.91
C LEU A 247 -15.38 2.21 15.52
N ARG A 248 -16.08 1.59 16.48
CA ARG A 248 -17.40 1.02 16.15
C ARG A 248 -18.34 2.14 15.75
N ALA A 249 -18.23 3.27 16.43
CA ALA A 249 -19.09 4.40 16.10
C ALA A 249 -18.75 4.95 14.71
N GLU A 250 -17.47 4.95 14.38
CA GLU A 250 -17.05 5.43 13.06
C GLU A 250 -17.47 4.39 12.01
N ALA A 251 -17.31 3.11 12.34
CA ALA A 251 -17.82 2.03 11.52
C ALA A 251 -19.30 2.23 11.22
N ARG A 252 -20.10 2.42 12.27
CA ARG A 252 -21.54 2.63 12.08
C ARG A 252 -21.76 3.84 11.17
N ARG A 253 -20.92 4.86 11.30
CA ARG A 253 -21.12 6.11 10.57
C ARG A 253 -20.86 5.98 9.05
N CYS A 254 -19.97 5.07 8.64
CA CYS A 254 -19.89 4.69 7.22
C CYS A 254 -21.01 3.73 6.84
N GLY A 255 -21.61 3.08 7.83
CA GLY A 255 -22.66 2.08 7.61
C GLY A 255 -22.07 0.70 7.42
N LEU A 256 -22.12 -0.14 8.44
CA LEU A 256 -21.48 -1.45 8.31
CA LEU A 256 -21.43 -1.44 8.41
C LEU A 256 -22.31 -2.67 8.73
N GLY A 257 -22.22 -3.70 7.89
CA GLY A 257 -22.79 -5.00 8.15
C GLY A 257 -21.63 -5.84 8.63
N ASP A 258 -21.87 -6.70 9.60
CA ASP A 258 -20.78 -7.37 10.28
C ASP A 258 -21.16 -8.83 10.49
N GLU A 259 -20.21 -9.69 10.86
CA GLU A 259 -18.84 -9.31 11.17
C GLU A 259 -17.76 -10.25 10.62
N ASP A 260 -17.86 -10.56 9.33
CA ASP A 260 -16.90 -11.42 8.64
C ASP A 260 -15.54 -10.72 8.53
N LEU A 261 -15.51 -9.46 8.91
CA LEU A 261 -14.28 -8.67 8.86
C LEU A 261 -13.37 -8.97 10.05
N ALA A 262 -13.97 -9.30 11.19
CA ALA A 262 -13.20 -9.57 12.39
C ALA A 262 -12.64 -10.99 12.40
N ARG A 263 -12.67 -11.66 11.25
CA ARG A 263 -12.13 -13.02 11.15
C ARG A 263 -12.18 -13.61 9.73
N LEU A 264 -11.74 -14.85 9.63
CA LEU A 264 -11.92 -15.65 8.41
C LEU A 264 -11.27 -17.01 8.61
CL CL B . 18.49 11.48 -7.25
CL CL C . 22.17 2.08 6.26
#